data_6RVG
#
_entry.id   6RVG
#
_cell.length_a   67.820
_cell.length_b   67.820
_cell.length_c   101.660
_cell.angle_alpha   90.00
_cell.angle_beta   90.00
_cell.angle_gamma   90.00
#
_symmetry.space_group_name_H-M   'P 43 21 2'
#
loop_
_entity.id
_entity.type
_entity.pdbx_description
1 polymer 'Proteinase K'
2 non-polymer 'Co-substituted beta-Keggin'
3 non-polymer 'Co-substituted beta-Keggin'
4 non-polymer 'SULFATE ION'
5 water water
#
_entity_poly.entity_id   1
_entity_poly.type   'polypeptide(L)'
_entity_poly.pdbx_seq_one_letter_code
;AAQTNAPWGLARISSTSPGTSTYYYDESAGQGSCVYVIDTGIEASHPEFEGRAQMVKTYYYSSRDGNGHGTHCAGTVGSR
TYGVAKKTQLFGVKVLDDNGSGQYSTIIAGMDFVASDKNNRNCPKGVVASLSLGGGYSSSVNSAAARLQSSGVMVAVAAG
NNNADARNYSPASEPSVCTVGASDRYDRRSSFSNYGSVLDIFGPGTDILSTWIGGSTRSISGTSMATPHVAGLAAYLMTL
GKTTAASACRYIADTANKGDLSNIPFGTVNLLAYNNYQA
;
_entity_poly.pdbx_strand_id   A
#
loop_
_chem_comp.id
_chem_comp.type
_chem_comp.name
_chem_comp.formula
KCO non-polymer 'Co-substituted beta-Keggin' 'Co O38 Si W11'
SO4 non-polymer 'SULFATE ION' 'O4 S -2'
XCO non-polymer 'Co-substituted beta-Keggin' 'Co O39 Si W11'
#
# COMPACT_ATOMS: atom_id res chain seq x y z
N ALA A 1 16.29 5.47 13.38
CA ALA A 1 15.30 6.41 13.99
C ALA A 1 14.23 5.62 14.72
N ALA A 2 13.62 6.25 15.71
CA ALA A 2 12.57 5.64 16.51
C ALA A 2 11.42 6.63 16.66
N GLN A 3 10.20 6.14 16.43
CA GLN A 3 8.99 6.93 16.64
C GLN A 3 8.22 6.22 17.75
N THR A 4 8.15 6.84 18.92
CA THR A 4 7.41 6.21 20.01
C THR A 4 5.92 6.42 19.85
N ASN A 5 5.16 5.56 20.51
CA ASN A 5 3.69 5.57 20.46
C ASN A 5 3.18 5.68 19.02
N ALA A 6 3.75 4.86 18.17
CA ALA A 6 3.36 4.79 16.78
C ALA A 6 2.11 3.94 16.63
N PRO A 7 1.40 4.09 15.52
CA PRO A 7 0.32 3.14 15.23
C PRO A 7 0.87 1.72 15.26
N TRP A 8 0.06 0.78 15.76
CA TRP A 8 0.56 -0.57 15.97
C TRP A 8 1.14 -1.17 14.70
N GLY A 9 0.57 -0.85 13.53
CA GLY A 9 1.04 -1.45 12.31
C GLY A 9 2.44 -1.01 11.93
N LEU A 10 2.78 0.27 12.19
CA LEU A 10 4.14 0.71 11.96
C LEU A 10 5.09 -0.03 12.90
N ALA A 11 4.74 -0.10 14.18
CA ALA A 11 5.58 -0.86 15.11
C ALA A 11 5.71 -2.30 14.65
N ARG A 12 4.64 -2.88 14.13
CA ARG A 12 4.68 -4.29 13.75
C ARG A 12 5.65 -4.53 12.59
N ILE A 13 5.66 -3.62 11.60
CA ILE A 13 6.52 -3.87 10.46
C ILE A 13 7.99 -3.68 10.77
N SER A 14 8.36 -3.12 11.93
CA SER A 14 9.77 -3.05 12.30
C SER A 14 10.09 -3.97 13.48
N SER A 15 9.25 -4.96 13.74
CA SER A 15 9.43 -5.83 14.89
C SER A 15 9.37 -7.30 14.51
N THR A 16 10.16 -8.08 15.24
CA THR A 16 10.04 -9.53 15.19
C THR A 16 8.88 -10.06 16.01
N SER A 17 8.23 -9.23 16.81
CA SER A 17 7.15 -9.67 17.68
C SER A 17 5.99 -8.68 17.68
N PRO A 18 4.77 -9.17 17.88
CA PRO A 18 3.64 -8.27 18.14
C PRO A 18 3.74 -7.68 19.54
N GLY A 19 2.94 -6.65 19.78
CA GLY A 19 2.80 -6.14 21.11
C GLY A 19 3.75 -5.05 21.50
N THR A 20 4.40 -4.39 20.54
CA THR A 20 5.22 -3.24 20.81
C THR A 20 4.64 -2.02 20.11
N SER A 21 5.15 -0.84 20.47
CA SER A 21 4.51 0.40 20.04
C SER A 21 5.49 1.45 19.50
N THR A 22 6.74 1.10 19.27
CA THR A 22 7.72 2.02 18.70
C THR A 22 8.07 1.55 17.30
N TYR A 23 8.04 2.47 16.34
CA TYR A 23 8.44 2.18 14.95
C TYR A 23 9.90 2.55 14.77
N TYR A 24 10.71 1.61 14.30
CA TYR A 24 12.13 1.83 14.06
C TYR A 24 12.39 1.78 12.56
N TYR A 25 13.13 2.75 12.06
CA TYR A 25 13.37 2.84 10.62
C TYR A 25 14.60 3.67 10.33
N ASP A 26 15.26 3.37 9.23
CA ASP A 26 16.37 4.19 8.78
C ASP A 26 15.88 5.58 8.40
N GLU A 27 16.63 6.60 8.84
CA GLU A 27 16.18 7.98 8.69
C GLU A 27 16.04 8.43 7.23
N SER A 28 16.64 7.71 6.28
CA SER A 28 16.44 8.04 4.87
C SER A 28 14.95 8.04 4.50
N ALA A 29 14.17 7.15 5.10
CA ALA A 29 12.72 7.27 5.14
C ALA A 29 12.07 7.36 3.76
N GLY A 30 12.63 6.68 2.77
CA GLY A 30 12.04 6.74 1.44
C GLY A 30 12.32 8.00 0.65
N GLN A 31 13.22 8.85 1.09
CA GLN A 31 13.54 10.05 0.32
C GLN A 31 14.05 9.65 -1.06
N GLY A 32 13.60 10.36 -2.08
CA GLY A 32 14.02 10.09 -3.45
C GLY A 32 13.21 9.03 -4.15
N SER A 33 12.25 8.40 -3.46
CA SER A 33 11.31 7.48 -4.06
C SER A 33 9.98 8.20 -4.28
N CYS A 34 9.08 7.53 -5.01
CA CYS A 34 7.75 8.06 -5.26
C CYS A 34 6.74 6.94 -5.13
N VAL A 35 5.59 7.24 -4.54
CA VAL A 35 4.50 6.30 -4.44
C VAL A 35 3.23 6.93 -5.00
N TYR A 36 2.65 6.29 -6.00
CA TYR A 36 1.35 6.67 -6.52
C TYR A 36 0.26 5.94 -5.73
N VAL A 37 -0.73 6.69 -5.27
CA VAL A 37 -1.88 6.14 -4.55
C VAL A 37 -3.07 6.28 -5.48
N ILE A 38 -3.51 5.14 -6.02
CA ILE A 38 -4.52 5.10 -7.07
C ILE A 38 -5.83 4.75 -6.35
N ASP A 39 -6.70 5.74 -6.16
CA ASP A 39 -7.75 5.62 -5.16
C ASP A 39 -8.77 6.74 -5.32
N THR A 40 -9.35 7.20 -4.21
CA THR A 40 -10.34 8.29 -4.24
C THR A 40 -9.71 9.68 -4.27
N GLY A 41 -8.39 9.78 -4.35
CA GLY A 41 -7.69 11.06 -4.26
C GLY A 41 -6.91 11.12 -2.96
N ILE A 42 -6.29 12.29 -2.74
CA ILE A 42 -5.53 12.58 -1.54
C ILE A 42 -5.78 14.04 -1.17
N GLU A 43 -6.10 14.30 0.09
CA GLU A 43 -6.14 15.67 0.60
C GLU A 43 -4.70 16.11 0.84
N ALA A 44 -4.08 16.66 -0.20
CA ALA A 44 -2.66 16.95 -0.16
C ALA A 44 -2.33 18.08 0.79
N SER A 45 -3.30 18.92 1.14
CA SER A 45 -3.09 20.02 2.07
C SER A 45 -3.01 19.56 3.52
N HIS A 46 -3.29 18.30 3.81
CA HIS A 46 -3.25 17.81 5.18
C HIS A 46 -1.85 18.07 5.75
N PRO A 47 -1.76 18.70 6.93
CA PRO A 47 -0.43 18.95 7.51
C PRO A 47 0.46 17.74 7.57
N GLU A 48 -0.13 16.55 7.73
CA GLU A 48 0.65 15.33 7.84
C GLU A 48 1.47 15.01 6.60
N PHE A 49 1.14 15.61 5.44
CA PHE A 49 1.89 15.32 4.22
C PHE A 49 3.02 16.29 3.97
N GLU A 50 3.04 17.44 4.66
CA GLU A 50 4.19 18.32 4.69
C GLU A 50 4.63 18.81 3.30
N GLY A 51 3.69 18.94 2.37
CA GLY A 51 4.03 19.39 1.03
C GLY A 51 4.55 18.32 0.10
N ARG A 52 4.63 17.08 0.58
CA ARG A 52 5.16 15.97 -0.20
C ARG A 52 4.09 15.24 -1.00
N ALA A 53 2.82 15.59 -0.86
CA ALA A 53 1.76 14.97 -1.63
C ALA A 53 1.18 15.94 -2.65
N GLN A 54 0.74 15.39 -3.78
CA GLN A 54 0.06 16.19 -4.78
C GLN A 54 -0.83 15.29 -5.60
N MET A 55 -1.95 15.84 -6.04
CA MET A 55 -2.77 15.18 -7.05
C MET A 55 -2.16 15.39 -8.42
N VAL A 56 -2.07 14.33 -9.20
CA VAL A 56 -1.55 14.41 -10.56
C VAL A 56 -2.58 14.02 -11.61
N LYS A 57 -3.68 13.37 -11.24
CA LYS A 57 -4.66 12.96 -12.23
C LYS A 57 -5.99 12.66 -11.57
N THR A 58 -7.07 13.04 -12.26
CA THR A 58 -8.42 12.60 -11.90
C THR A 58 -9.18 12.24 -13.17
N TYR A 59 -10.19 11.40 -13.02
CA TYR A 59 -11.12 11.03 -14.08
C TYR A 59 -12.51 11.58 -13.83
N TYR A 60 -12.65 12.44 -12.83
CA TYR A 60 -13.94 12.96 -12.36
C TYR A 60 -13.89 14.48 -12.40
N TYR A 61 -15.03 15.10 -12.08
CA TYR A 61 -15.11 16.55 -12.17
C TYR A 61 -14.12 17.24 -11.24
N SER A 62 -13.63 16.55 -10.20
CA SER A 62 -12.69 17.12 -9.26
C SER A 62 -11.60 16.09 -8.94
N SER A 63 -10.45 16.61 -8.49
CA SER A 63 -9.38 15.79 -7.94
CA SER A 63 -9.37 15.78 -7.95
C SER A 63 -9.45 15.65 -6.43
N ARG A 64 -10.44 16.27 -5.80
CA ARG A 64 -10.55 16.23 -4.37
C ARG A 64 -10.96 14.85 -3.89
N ASP A 65 -10.38 14.44 -2.75
CA ASP A 65 -10.83 13.25 -2.04
C ASP A 65 -12.05 13.66 -1.21
N GLY A 66 -13.24 13.37 -1.73
CA GLY A 66 -14.48 13.58 -1.03
C GLY A 66 -14.91 12.42 -0.18
N ASN A 67 -14.08 11.38 -0.09
CA ASN A 67 -14.40 10.18 0.65
C ASN A 67 -13.56 10.02 1.91
N GLY A 68 -12.23 10.07 1.77
CA GLY A 68 -11.31 9.82 2.87
C GLY A 68 -10.42 8.61 2.64
N HIS A 69 -10.93 7.62 1.93
CA HIS A 69 -10.21 6.36 1.78
C HIS A 69 -8.80 6.57 1.21
N GLY A 70 -8.70 7.32 0.10
CA GLY A 70 -7.41 7.53 -0.51
C GLY A 70 -6.46 8.32 0.36
N THR A 71 -7.00 9.28 1.11
CA THR A 71 -6.18 10.05 2.05
C THR A 71 -5.65 9.15 3.16
N HIS A 72 -6.48 8.22 3.64
CA HIS A 72 -6.05 7.29 4.67
C HIS A 72 -4.93 6.39 4.15
N CYS A 73 -5.12 5.83 2.95
CA CYS A 73 -4.09 4.96 2.38
C CYS A 73 -2.79 5.74 2.15
N ALA A 74 -2.89 6.95 1.60
CA ALA A 74 -1.69 7.76 1.38
C ALA A 74 -0.98 8.04 2.69
N GLY A 75 -1.75 8.26 3.77
CA GLY A 75 -1.16 8.50 5.07
C GLY A 75 -0.35 7.32 5.58
N THR A 76 -0.83 6.09 5.33
CA THR A 76 -0.08 4.91 5.73
C THR A 76 1.18 4.75 4.90
N VAL A 77 1.15 5.13 3.63
CA VAL A 77 2.37 5.09 2.84
C VAL A 77 3.40 6.07 3.41
N GLY A 78 2.99 7.32 3.60
CA GLY A 78 3.96 8.40 3.69
C GLY A 78 3.65 9.62 4.56
N SER A 79 2.60 9.62 5.37
CA SER A 79 2.44 10.74 6.28
C SER A 79 3.54 10.75 7.35
N ARG A 80 3.77 11.93 7.93
CA ARG A 80 4.83 12.07 8.93
C ARG A 80 4.59 11.21 10.16
N THR A 81 3.35 11.18 10.67
CA THR A 81 3.08 10.40 11.87
C THR A 81 2.64 8.97 11.56
N TYR A 82 1.83 8.79 10.53
CA TYR A 82 1.17 7.51 10.31
C TYR A 82 1.80 6.70 9.18
N GLY A 83 2.86 7.19 8.56
CA GLY A 83 3.41 6.58 7.37
C GLY A 83 4.66 5.75 7.60
N VAL A 84 4.82 4.76 6.72
CA VAL A 84 5.99 3.90 6.70
C VAL A 84 7.21 4.64 6.16
N ALA A 85 7.03 5.39 5.06
CA ALA A 85 8.11 6.04 4.31
C ALA A 85 7.88 7.54 4.41
N LYS A 86 8.39 8.12 5.51
CA LYS A 86 7.99 9.46 5.93
C LYS A 86 8.57 10.56 5.08
N LYS A 87 9.47 10.24 4.13
CA LYS A 87 10.01 11.25 3.24
C LYS A 87 9.76 10.95 1.76
N THR A 88 8.90 9.99 1.43
CA THR A 88 8.58 9.71 0.03
C THR A 88 7.73 10.85 -0.56
N GLN A 89 7.74 10.93 -1.89
CA GLN A 89 6.82 11.79 -2.63
C GLN A 89 5.57 10.99 -2.95
N LEU A 90 4.40 11.58 -2.71
CA LEU A 90 3.11 10.92 -2.90
C LEU A 90 2.39 11.57 -4.06
N PHE A 91 1.88 10.76 -4.98
CA PHE A 91 1.15 11.24 -6.15
C PHE A 91 -0.23 10.60 -6.17
N GLY A 92 -1.27 11.42 -6.19
CA GLY A 92 -2.64 10.92 -6.15
C GLY A 92 -3.21 10.80 -7.55
N VAL A 93 -3.83 9.65 -7.83
CA VAL A 93 -4.53 9.38 -9.07
C VAL A 93 -5.95 8.98 -8.69
N LYS A 94 -6.93 9.82 -8.98
CA LYS A 94 -8.30 9.60 -8.54
C LYS A 94 -9.06 8.81 -9.60
N VAL A 95 -9.07 7.48 -9.41
CA VAL A 95 -9.86 6.58 -10.25
C VAL A 95 -11.17 6.18 -9.60
N LEU A 96 -11.35 6.47 -8.32
CA LEU A 96 -12.57 6.14 -7.60
C LEU A 96 -13.32 7.43 -7.27
N ASP A 97 -14.64 7.39 -7.43
CA ASP A 97 -15.48 8.53 -7.07
C ASP A 97 -15.58 8.65 -5.55
N ASP A 98 -16.32 9.66 -5.10
CA ASP A 98 -16.38 9.95 -3.68
C ASP A 98 -17.22 8.94 -2.91
N ASN A 99 -17.89 8.01 -3.60
CA ASN A 99 -18.52 6.86 -2.98
C ASN A 99 -17.60 5.66 -2.90
N GLY A 100 -16.37 5.79 -3.41
CA GLY A 100 -15.45 4.68 -3.41
C GLY A 100 -15.59 3.73 -4.56
N SER A 101 -16.32 4.09 -5.60
CA SER A 101 -16.54 3.19 -6.72
C SER A 101 -15.90 3.74 -7.99
N GLY A 102 -15.62 2.84 -8.92
CA GLY A 102 -15.09 3.25 -10.20
C GLY A 102 -15.25 2.17 -11.23
N GLN A 103 -15.47 2.57 -12.47
CA GLN A 103 -15.55 1.60 -13.55
C GLN A 103 -14.18 1.00 -13.84
N TYR A 104 -14.17 -0.27 -14.22
CA TYR A 104 -12.90 -0.92 -14.52
C TYR A 104 -12.14 -0.19 -15.62
N SER A 105 -12.84 0.39 -16.61
CA SER A 105 -12.11 1.08 -17.67
C SER A 105 -11.37 2.29 -17.13
N THR A 106 -11.92 2.97 -16.12
CA THR A 106 -11.22 4.10 -15.51
C THR A 106 -10.04 3.64 -14.69
N ILE A 107 -10.20 2.55 -13.96
CA ILE A 107 -9.10 2.01 -13.17
C ILE A 107 -7.95 1.58 -14.08
N ILE A 108 -8.27 0.93 -15.20
CA ILE A 108 -7.25 0.56 -16.19
C ILE A 108 -6.54 1.79 -16.72
N ALA A 109 -7.30 2.81 -17.11
CA ALA A 109 -6.67 4.04 -17.58
C ALA A 109 -5.73 4.61 -16.53
N GLY A 110 -6.12 4.58 -15.25
CA GLY A 110 -5.26 5.11 -14.21
C GLY A 110 -3.96 4.35 -14.07
N MET A 111 -4.01 3.02 -14.21
CA MET A 111 -2.78 2.23 -14.16
C MET A 111 -1.87 2.56 -15.33
N ASP A 112 -2.40 2.60 -16.55
CA ASP A 112 -1.57 2.98 -17.68
C ASP A 112 -1.05 4.40 -17.54
N PHE A 113 -1.86 5.29 -16.95
CA PHE A 113 -1.39 6.63 -16.67
C PHE A 113 -0.10 6.61 -15.82
N VAL A 114 -0.10 5.85 -14.73
CA VAL A 114 1.08 5.84 -13.86
C VAL A 114 2.30 5.31 -14.60
N ALA A 115 2.11 4.27 -15.43
CA ALA A 115 3.24 3.70 -16.16
C ALA A 115 3.93 4.76 -17.01
N SER A 116 3.16 5.68 -17.59
CA SER A 116 3.74 6.75 -18.37
C SER A 116 4.18 7.92 -17.50
N ASP A 117 3.32 8.32 -16.56
CA ASP A 117 3.51 9.53 -15.82
C ASP A 117 4.79 9.51 -14.98
N LYS A 118 5.25 8.33 -14.57
CA LYS A 118 6.49 8.32 -13.80
C LYS A 118 7.64 8.94 -14.57
N ASN A 119 7.57 8.96 -15.91
CA ASN A 119 8.60 9.60 -16.73
C ASN A 119 8.53 11.12 -16.67
N ASN A 120 7.51 11.67 -16.01
CA ASN A 120 7.39 13.08 -15.76
C ASN A 120 7.75 13.48 -14.34
N ARG A 121 8.21 12.52 -13.54
CA ARG A 121 8.47 12.76 -12.13
C ARG A 121 9.92 12.41 -11.80
N ASN A 122 10.40 12.97 -10.71
CA ASN A 122 11.75 12.71 -10.22
C ASN A 122 11.71 11.71 -9.08
N CYS A 123 12.13 10.49 -9.39
CA CYS A 123 12.04 9.36 -8.47
C CYS A 123 13.31 8.54 -8.61
N PRO A 124 14.47 9.12 -8.31
CA PRO A 124 15.74 8.42 -8.56
C PRO A 124 15.87 7.11 -7.82
N LYS A 125 15.20 6.94 -6.68
CA LYS A 125 15.28 5.69 -5.95
C LYS A 125 14.22 4.68 -6.37
N GLY A 126 13.25 5.07 -7.18
CA GLY A 126 12.28 4.13 -7.72
C GLY A 126 10.85 4.56 -7.44
N VAL A 127 9.94 3.80 -8.06
CA VAL A 127 8.53 4.14 -8.14
C VAL A 127 7.70 2.95 -7.68
N VAL A 128 6.67 3.25 -6.87
CA VAL A 128 5.74 2.28 -6.33
C VAL A 128 4.32 2.77 -6.66
N ALA A 129 3.40 1.83 -6.81
CA ALA A 129 1.99 2.13 -6.94
C ALA A 129 1.21 1.29 -5.93
N SER A 130 0.29 1.94 -5.23
CA SER A 130 -0.54 1.30 -4.20
C SER A 130 -1.98 1.33 -4.69
N LEU A 131 -2.58 0.14 -4.81
CA LEU A 131 -3.95 -0.05 -5.32
C LEU A 131 -4.81 -0.76 -4.27
N SER A 132 -5.43 0.04 -3.42
CA SER A 132 -6.33 -0.45 -2.39
C SER A 132 -7.75 -0.47 -2.94
N LEU A 133 -7.96 -1.36 -3.91
CA LEU A 133 -9.22 -1.43 -4.63
C LEU A 133 -9.26 -2.76 -5.36
N GLY A 134 -10.46 -3.11 -5.83
CA GLY A 134 -10.61 -4.31 -6.61
C GLY A 134 -12.06 -4.65 -6.81
N GLY A 135 -12.28 -5.68 -7.61
CA GLY A 135 -13.61 -6.21 -7.88
C GLY A 135 -13.47 -7.63 -8.38
N GLY A 136 -14.51 -8.12 -9.06
CA GLY A 136 -14.45 -9.46 -9.61
C GLY A 136 -13.38 -9.63 -10.67
N TYR A 137 -13.03 -10.88 -10.96
CA TYR A 137 -11.96 -11.18 -11.90
C TYR A 137 -12.18 -10.50 -13.24
N SER A 138 -11.12 -9.87 -13.75
CA SER A 138 -11.12 -9.27 -15.07
C SER A 138 -9.74 -9.45 -15.66
N SER A 139 -9.63 -10.13 -16.81
CA SER A 139 -8.32 -10.27 -17.41
C SER A 139 -7.76 -8.91 -17.83
N SER A 140 -8.61 -7.98 -18.25
CA SER A 140 -8.12 -6.66 -18.67
C SER A 140 -7.58 -5.86 -17.49
N VAL A 141 -8.23 -5.93 -16.34
CA VAL A 141 -7.69 -5.26 -15.14
C VAL A 141 -6.37 -5.89 -14.73
N ASN A 142 -6.28 -7.23 -14.75
CA ASN A 142 -5.03 -7.87 -14.40
C ASN A 142 -3.91 -7.49 -15.36
N SER A 143 -4.22 -7.44 -16.65
CA SER A 143 -3.20 -7.10 -17.63
C SER A 143 -2.69 -5.69 -17.44
N ALA A 144 -3.58 -4.76 -17.09
CA ALA A 144 -3.14 -3.39 -16.80
C ALA A 144 -2.20 -3.37 -15.60
N ALA A 145 -2.51 -4.14 -14.55
CA ALA A 145 -1.61 -4.20 -13.41
C ALA A 145 -0.28 -4.81 -13.81
N ALA A 146 -0.32 -5.85 -14.64
CA ALA A 146 0.90 -6.46 -15.13
C ALA A 146 1.74 -5.49 -15.96
N ARG A 147 1.08 -4.69 -16.82
CA ARG A 147 1.83 -3.71 -17.59
C ARG A 147 2.49 -2.69 -16.67
N LEU A 148 1.76 -2.21 -15.67
CA LEU A 148 2.33 -1.22 -14.76
C LEU A 148 3.57 -1.77 -14.07
N GLN A 149 3.49 -3.00 -13.59
CA GLN A 149 4.64 -3.64 -12.98
C GLN A 149 5.79 -3.77 -13.97
N SER A 150 5.48 -4.27 -15.17
CA SER A 150 6.50 -4.46 -16.20
C SER A 150 7.21 -3.17 -16.54
N SER A 151 6.51 -2.05 -16.47
CA SER A 151 7.08 -0.76 -16.84
C SER A 151 8.10 -0.27 -15.82
N GLY A 152 8.25 -0.93 -14.67
CA GLY A 152 9.25 -0.53 -13.70
C GLY A 152 8.67 0.12 -12.45
N VAL A 153 7.45 -0.26 -12.09
CA VAL A 153 6.76 0.22 -10.90
C VAL A 153 6.48 -0.97 -10.00
N MET A 154 6.82 -0.84 -8.72
CA MET A 154 6.45 -1.86 -7.76
C MET A 154 4.97 -1.73 -7.48
N VAL A 155 4.16 -2.67 -7.96
CA VAL A 155 2.73 -2.61 -7.80
C VAL A 155 2.31 -3.46 -6.61
N ALA A 156 1.65 -2.82 -5.63
CA ALA A 156 1.08 -3.48 -4.47
C ALA A 156 -0.43 -3.35 -4.54
N VAL A 157 -1.16 -4.47 -4.44
CA VAL A 157 -2.61 -4.45 -4.56
C VAL A 157 -3.24 -5.17 -3.38
N ALA A 158 -4.43 -4.72 -3.00
CA ALA A 158 -5.17 -5.34 -1.92
C ALA A 158 -5.71 -6.71 -2.32
N ALA A 159 -5.64 -7.67 -1.40
CA ALA A 159 -6.19 -9.01 -1.69
C ALA A 159 -7.70 -8.99 -1.79
N GLY A 160 -8.36 -8.09 -1.06
CA GLY A 160 -9.80 -8.03 -0.97
C GLY A 160 -10.32 -8.48 0.39
N ASN A 161 -11.57 -8.12 0.67
CA ASN A 161 -12.15 -8.22 2.01
C ASN A 161 -13.33 -9.19 2.07
N ASN A 162 -13.28 -10.26 1.29
CA ASN A 162 -14.38 -11.20 1.16
C ASN A 162 -14.18 -12.49 1.96
N ASN A 163 -13.10 -12.60 2.74
CA ASN A 163 -12.75 -13.84 3.41
C ASN A 163 -12.86 -15.01 2.44
N ALA A 164 -12.24 -14.84 1.27
CA ALA A 164 -12.37 -15.80 0.18
C ALA A 164 -11.03 -15.87 -0.56
N ASP A 165 -10.96 -16.81 -1.52
CA ASP A 165 -9.75 -16.93 -2.32
C ASP A 165 -9.64 -15.74 -3.27
N ALA A 166 -8.49 -15.05 -3.18
CA ALA A 166 -8.25 -13.88 -4.00
C ALA A 166 -8.09 -14.19 -5.49
N ARG A 167 -8.01 -15.46 -5.88
CA ARG A 167 -7.92 -15.79 -7.29
C ARG A 167 -9.12 -15.28 -8.09
N ASN A 168 -10.23 -14.99 -7.42
CA ASN A 168 -11.46 -14.59 -8.10
C ASN A 168 -11.68 -13.08 -8.07
N TYR A 169 -10.64 -12.30 -7.77
CA TYR A 169 -10.73 -10.85 -7.71
C TYR A 169 -9.57 -10.24 -8.48
N SER A 170 -9.79 -9.00 -8.94
CA SER A 170 -8.78 -8.29 -9.71
C SER A 170 -8.64 -6.87 -9.19
N PRO A 171 -7.42 -6.31 -9.17
CA PRO A 171 -6.17 -6.92 -9.66
C PRO A 171 -5.47 -7.91 -8.72
N ALA A 172 -6.13 -8.28 -7.62
CA ALA A 172 -5.52 -9.18 -6.64
C ALA A 172 -4.97 -10.46 -7.28
N SER A 173 -5.67 -10.99 -8.28
CA SER A 173 -5.31 -12.28 -8.85
C SER A 173 -4.21 -12.20 -9.91
N GLU A 174 -3.72 -11.02 -10.24
CA GLU A 174 -2.62 -10.92 -11.21
C GLU A 174 -1.35 -11.44 -10.58
N PRO A 175 -0.73 -12.50 -11.13
CA PRO A 175 0.42 -13.09 -10.43
C PRO A 175 1.62 -12.17 -10.31
N SER A 176 1.83 -11.26 -11.27
CA SER A 176 3.09 -10.55 -11.32
C SER A 176 3.17 -9.34 -10.40
N VAL A 177 2.08 -8.96 -9.75
CA VAL A 177 2.09 -7.85 -8.82
C VAL A 177 2.16 -8.40 -7.39
N CYS A 178 2.20 -7.52 -6.39
CA CYS A 178 2.36 -7.94 -5.00
C CYS A 178 0.98 -7.86 -4.32
N THR A 179 0.39 -9.02 -4.06
CA THR A 179 -0.96 -9.09 -3.50
C THR A 179 -0.89 -9.22 -1.99
N VAL A 180 -1.60 -8.33 -1.29
CA VAL A 180 -1.40 -8.08 0.13
C VAL A 180 -2.65 -8.44 0.91
N GLY A 181 -2.51 -9.39 1.84
CA GLY A 181 -3.55 -9.69 2.80
C GLY A 181 -3.38 -8.88 4.08
N ALA A 182 -4.36 -9.00 4.98
CA ALA A 182 -4.37 -8.17 6.18
C ALA A 182 -4.28 -9.01 7.45
N SER A 183 -3.56 -8.47 8.44
CA SER A 183 -3.46 -9.06 9.77
C SER A 183 -3.88 -8.05 10.84
N ASP A 184 -4.07 -8.56 12.07
CA ASP A 184 -4.44 -7.73 13.21
C ASP A 184 -3.31 -7.67 14.23
N ARG A 185 -3.54 -6.89 15.28
CA ARG A 185 -2.46 -6.55 16.20
C ARG A 185 -2.02 -7.74 17.04
N TYR A 186 -2.79 -8.82 17.03
CA TYR A 186 -2.43 -10.05 17.72
C TYR A 186 -1.92 -11.10 16.75
N ASP A 187 -1.52 -10.69 15.55
CA ASP A 187 -0.94 -11.59 14.56
C ASP A 187 -1.94 -12.66 14.09
N ARG A 188 -3.22 -12.32 14.09
CA ARG A 188 -4.23 -13.15 13.44
C ARG A 188 -4.48 -12.62 12.04
N ARG A 189 -4.73 -13.52 11.09
CA ARG A 189 -5.30 -13.06 9.83
C ARG A 189 -6.56 -12.26 10.13
N SER A 190 -6.68 -11.09 9.52
CA SER A 190 -7.88 -10.30 9.70
C SER A 190 -9.08 -11.10 9.21
N SER A 191 -10.20 -10.97 9.94
CA SER A 191 -11.37 -11.82 9.71
C SER A 191 -11.88 -11.74 8.29
N PHE A 192 -11.77 -10.56 7.68
CA PHE A 192 -12.26 -10.28 6.34
C PHE A 192 -11.22 -10.55 5.27
N SER A 193 -9.96 -10.81 5.61
CA SER A 193 -8.93 -10.83 4.58
C SER A 193 -9.12 -12.00 3.62
N ASN A 194 -9.03 -11.71 2.32
CA ASN A 194 -8.88 -12.79 1.37
C ASN A 194 -7.56 -13.51 1.59
N TYR A 195 -7.47 -14.69 0.97
CA TYR A 195 -6.33 -15.59 1.14
C TYR A 195 -6.11 -16.31 -0.18
N GLY A 196 -5.26 -17.32 -0.18
CA GLY A 196 -5.02 -18.13 -1.35
C GLY A 196 -3.59 -18.05 -1.84
N SER A 197 -3.31 -18.89 -2.84
CA SER A 197 -1.95 -19.03 -3.36
C SER A 197 -1.44 -17.75 -3.99
N VAL A 198 -2.34 -16.88 -4.47
CA VAL A 198 -1.92 -15.66 -5.15
C VAL A 198 -1.42 -14.59 -4.18
N LEU A 199 -1.71 -14.69 -2.89
CA LEU A 199 -1.15 -13.73 -1.95
C LEU A 199 0.35 -13.88 -1.89
N ASP A 200 1.03 -12.74 -1.80
CA ASP A 200 2.47 -12.71 -1.64
C ASP A 200 2.91 -12.39 -0.22
N ILE A 201 2.08 -11.68 0.55
CA ILE A 201 2.51 -11.07 1.80
C ILE A 201 1.28 -10.61 2.56
N PHE A 202 1.41 -10.51 3.88
CA PHE A 202 0.44 -9.85 4.75
C PHE A 202 1.03 -8.58 5.32
N GLY A 203 0.17 -7.61 5.57
CA GLY A 203 0.52 -6.43 6.32
C GLY A 203 -0.58 -6.06 7.29
N PRO A 204 -0.29 -5.15 8.21
CA PRO A 204 -1.31 -4.72 9.18
C PRO A 204 -2.53 -4.13 8.50
N GLY A 205 -3.71 -4.63 8.87
CA GLY A 205 -4.92 -4.15 8.23
C GLY A 205 -6.14 -3.97 9.10
N THR A 206 -6.11 -4.41 10.36
CA THR A 206 -7.21 -4.20 11.30
C THR A 206 -6.89 -3.05 12.24
N ASP A 207 -7.79 -2.06 12.30
CA ASP A 207 -7.68 -0.95 13.23
C ASP A 207 -6.41 -0.12 13.00
N ILE A 208 -6.32 0.43 11.79
CA ILE A 208 -5.16 1.18 11.33
C ILE A 208 -5.47 2.68 11.38
N LEU A 209 -4.75 3.39 12.24
CA LEU A 209 -4.86 4.84 12.36
C LEU A 209 -4.08 5.53 11.24
N SER A 210 -4.73 6.48 10.57
CA SER A 210 -4.07 7.25 9.53
C SER A 210 -4.82 8.56 9.33
N THR A 211 -4.36 9.33 8.35
CA THR A 211 -4.98 10.58 7.97
C THR A 211 -6.38 10.38 7.38
N TRP A 212 -7.19 11.44 7.49
CA TRP A 212 -8.50 11.50 6.89
C TRP A 212 -8.75 12.92 6.40
N ILE A 213 -9.80 13.07 5.59
CA ILE A 213 -10.12 14.36 5.02
C ILE A 213 -10.62 15.32 6.11
N GLY A 214 -10.60 16.61 5.77
CA GLY A 214 -10.82 17.64 6.78
C GLY A 214 -9.68 17.81 7.76
N GLY A 215 -8.46 17.43 7.37
CA GLY A 215 -7.34 17.60 8.27
C GLY A 215 -7.42 16.73 9.51
N SER A 216 -8.07 15.58 9.44
CA SER A 216 -8.38 14.76 10.59
C SER A 216 -7.62 13.43 10.54
N THR A 217 -7.96 12.52 11.45
CA THR A 217 -7.40 11.18 11.48
C THR A 217 -8.50 10.22 11.90
N ARG A 218 -8.36 8.95 11.53
CA ARG A 218 -9.26 7.92 12.04
C ARG A 218 -8.63 6.55 11.82
N SER A 219 -9.18 5.58 12.55
CA SER A 219 -8.79 4.18 12.44
C SER A 219 -9.87 3.42 11.69
N ILE A 220 -9.46 2.72 10.62
CA ILE A 220 -10.34 1.86 9.84
C ILE A 220 -9.62 0.56 9.51
N SER A 221 -10.36 -0.39 8.95
CA SER A 221 -9.84 -1.73 8.71
C SER A 221 -10.09 -2.21 7.28
N GLY A 222 -9.13 -2.93 6.72
CA GLY A 222 -9.31 -3.56 5.42
C GLY A 222 -7.98 -3.99 4.83
N THR A 223 -8.06 -4.84 3.80
CA THR A 223 -6.85 -5.08 3.01
C THR A 223 -6.38 -3.79 2.33
N SER A 224 -7.28 -2.81 2.19
CA SER A 224 -6.90 -1.48 1.73
C SER A 224 -5.87 -0.80 2.63
N MET A 225 -5.87 -1.16 3.93
CA MET A 225 -4.96 -0.57 4.89
C MET A 225 -3.64 -1.32 4.95
N ALA A 226 -3.67 -2.63 4.65
CA ALA A 226 -2.46 -3.43 4.62
C ALA A 226 -1.60 -3.09 3.42
N THR A 227 -2.24 -2.86 2.27
CA THR A 227 -1.54 -2.60 1.00
C THR A 227 -0.57 -1.44 1.11
N PRO A 228 -0.97 -0.27 1.63
CA PRO A 228 -0.02 0.85 1.72
C PRO A 228 1.12 0.62 2.70
N HIS A 229 0.96 -0.27 3.69
CA HIS A 229 2.11 -0.63 4.50
C HIS A 229 3.19 -1.25 3.61
N VAL A 230 2.79 -2.17 2.73
CA VAL A 230 3.73 -2.84 1.84
C VAL A 230 4.27 -1.87 0.80
N ALA A 231 3.42 -1.00 0.23
CA ALA A 231 3.89 -0.01 -0.74
C ALA A 231 4.90 0.93 -0.11
N GLY A 232 4.62 1.42 1.10
CA GLY A 232 5.58 2.28 1.78
C GLY A 232 6.86 1.53 2.12
N LEU A 233 6.73 0.26 2.53
CA LEU A 233 7.91 -0.55 2.82
C LEU A 233 8.79 -0.68 1.58
N ALA A 234 8.18 -0.94 0.43
CA ALA A 234 8.94 -1.06 -0.80
C ALA A 234 9.70 0.23 -1.11
N ALA A 235 9.02 1.38 -0.98
CA ALA A 235 9.67 2.66 -1.25
C ALA A 235 10.86 2.85 -0.32
N TYR A 236 10.66 2.56 0.97
CA TYR A 236 11.72 2.65 1.96
C TYR A 236 12.90 1.77 1.61
N LEU A 237 12.64 0.52 1.22
CA LEU A 237 13.73 -0.40 0.89
C LEU A 237 14.45 -0.01 -0.39
N MET A 238 13.70 0.54 -1.37
CA MET A 238 14.31 1.02 -2.61
C MET A 238 15.23 2.21 -2.33
N THR A 239 14.82 3.13 -1.47
CA THR A 239 15.69 4.23 -1.11
C THR A 239 16.98 3.71 -0.46
N LEU A 240 16.87 2.66 0.35
CA LEU A 240 18.05 2.07 0.96
C LEU A 240 18.92 1.31 -0.02
N GLY A 241 18.46 1.10 -1.25
CA GLY A 241 19.22 0.33 -2.22
C GLY A 241 19.14 -1.17 -2.03
N LYS A 242 18.24 -1.65 -1.19
CA LYS A 242 18.17 -3.07 -0.92
C LYS A 242 17.46 -3.86 -2.00
N THR A 243 16.61 -3.21 -2.78
CA THR A 243 15.86 -3.89 -3.82
C THR A 243 15.43 -2.87 -4.86
N THR A 244 14.69 -3.34 -5.86
CA THR A 244 14.28 -2.58 -7.02
C THR A 244 12.78 -2.78 -7.21
N ALA A 245 12.19 -2.03 -8.14
CA ALA A 245 10.76 -2.19 -8.36
C ALA A 245 10.43 -3.60 -8.83
N ALA A 246 11.29 -4.17 -9.68
CA ALA A 246 10.98 -5.48 -10.24
C ALA A 246 11.11 -6.57 -9.20
N SER A 247 11.93 -6.35 -8.17
CA SER A 247 12.30 -7.41 -7.24
C SER A 247 11.75 -7.20 -5.84
N ALA A 248 11.08 -6.09 -5.57
CA ALA A 248 10.77 -5.71 -4.20
C ALA A 248 9.78 -6.66 -3.54
N CYS A 249 8.78 -7.13 -4.29
CA CYS A 249 7.81 -8.05 -3.69
C CYS A 249 8.50 -9.31 -3.21
N ARG A 250 9.37 -9.88 -4.06
CA ARG A 250 10.13 -11.07 -3.69
C ARG A 250 11.04 -10.78 -2.51
N TYR A 251 11.66 -9.61 -2.50
CA TYR A 251 12.55 -9.24 -1.40
C TYR A 251 11.78 -9.13 -0.09
N ILE A 252 10.61 -8.51 -0.13
CA ILE A 252 9.78 -8.39 1.06
C ILE A 252 9.34 -9.77 1.55
N ALA A 253 8.95 -10.65 0.64
CA ALA A 253 8.62 -12.02 1.04
C ALA A 253 9.84 -12.74 1.61
N ASP A 254 11.02 -12.57 0.98
CA ASP A 254 12.24 -13.22 1.43
C ASP A 254 12.57 -12.83 2.87
N THR A 255 12.35 -11.57 3.22
CA THR A 255 12.80 -10.99 4.46
C THR A 255 11.67 -10.85 5.48
N ALA A 256 10.49 -11.37 5.18
CA ALA A 256 9.33 -11.22 6.03
C ALA A 256 9.49 -12.03 7.31
N ASN A 257 8.71 -11.66 8.33
CA ASN A 257 8.53 -12.53 9.47
C ASN A 257 7.72 -13.74 9.02
N LYS A 258 8.21 -14.95 9.31
CA LYS A 258 7.62 -16.16 8.76
C LYS A 258 6.98 -16.98 9.88
N GLY A 259 5.76 -17.45 9.64
CA GLY A 259 5.10 -18.34 10.57
C GLY A 259 4.50 -17.69 11.79
N ASP A 260 4.38 -16.36 11.81
CA ASP A 260 3.87 -15.68 12.99
C ASP A 260 2.36 -15.56 13.03
N LEU A 261 1.69 -15.72 11.90
CA LEU A 261 0.27 -15.40 11.84
C LEU A 261 -0.58 -16.65 12.10
N SER A 262 -1.70 -16.46 12.78
CA SER A 262 -2.67 -17.52 13.00
C SER A 262 -3.80 -17.43 11.99
N ASN A 263 -4.49 -18.57 11.83
CA ASN A 263 -5.62 -18.73 10.92
C ASN A 263 -5.25 -18.40 9.48
N ILE A 264 -4.07 -18.83 9.07
CA ILE A 264 -3.66 -18.79 7.67
C ILE A 264 -4.09 -20.09 7.03
N PRO A 265 -5.00 -20.09 6.06
CA PRO A 265 -5.42 -21.36 5.45
C PRO A 265 -4.24 -22.08 4.80
N PHE A 266 -4.28 -23.41 4.86
CA PHE A 266 -3.29 -24.23 4.18
C PHE A 266 -3.17 -23.78 2.73
N GLY A 267 -1.94 -23.56 2.28
CA GLY A 267 -1.70 -23.11 0.92
C GLY A 267 -1.52 -21.61 0.76
N THR A 268 -1.74 -20.83 1.80
CA THR A 268 -1.50 -19.39 1.77
C THR A 268 -0.21 -19.12 2.52
N VAL A 269 0.58 -18.16 2.01
CA VAL A 269 1.85 -17.87 2.66
C VAL A 269 1.60 -17.34 4.07
N ASN A 270 2.50 -17.68 4.99
CA ASN A 270 2.49 -17.15 6.35
C ASN A 270 3.69 -16.21 6.47
N LEU A 271 3.53 -15.01 5.88
CA LEU A 271 4.61 -14.05 5.74
C LEU A 271 4.04 -12.68 6.07
N LEU A 272 4.72 -11.97 6.97
CA LEU A 272 4.28 -10.67 7.46
C LEU A 272 5.38 -9.66 7.17
N ALA A 273 5.00 -8.59 6.48
CA ALA A 273 5.97 -7.59 6.04
C ALA A 273 6.80 -7.07 7.21
N TYR A 274 8.11 -6.94 6.97
CA TYR A 274 9.10 -6.63 8.01
C TYR A 274 10.27 -5.90 7.39
N ASN A 275 10.66 -4.77 7.99
CA ASN A 275 11.71 -3.95 7.40
C ASN A 275 13.12 -4.40 7.78
N ASN A 276 13.26 -5.37 8.68
CA ASN A 276 14.57 -5.87 9.08
C ASN A 276 15.53 -4.75 9.47
N TYR A 277 15.01 -3.68 10.05
CA TYR A 277 15.88 -2.58 10.43
C TYR A 277 16.52 -2.87 11.78
N GLN A 278 17.84 -2.74 11.83
CA GLN A 278 18.55 -2.87 13.10
C GLN A 278 19.01 -1.48 13.51
N ALA A 279 18.36 -0.91 14.51
CA ALA A 279 18.72 0.42 14.99
C ALA A 279 20.18 0.46 15.45
O1 XCO B . -17.35 25.44 -0.20
O10 XCO B . -13.94 20.95 6.34
O12 XCO B . -13.43 17.07 3.62
O13 XCO B . -16.76 22.91 -1.53
O14 XCO B . -17.65 24.09 2.15
O15 XCO B . -15.23 23.69 0.66
O16 XCO B . -19.03 23.25 -0.18
O17 XCO B . -18.68 21.05 -1.58
O18 XCO B . -19.95 21.66 1.99
O19 XCO B . -19.60 19.42 0.49
O2 XCO B . -21.07 21.67 -0.65
O20 XCO B . -16.80 18.98 -1.25
O21 XCO B . -14.76 21.08 -1.06
O22 XCO B . -18.38 22.36 4.11
O23 XCO B . -15.41 24.34 3.05
O24 XCO B . -20.49 19.38 2.97
O25 XCO B . -17.61 17.72 1.03
O26 XCO B . -14.49 18.70 -0.79
O27 XCO B . -13.38 21.57 1.41
O28 XCO B . -15.99 22.75 5.22
O29 XCO B . -18.71 20.02 5.14
O3 XCO B . -16.46 20.84 -3.27
O30 XCO B . -18.50 17.57 3.55
O31 XCO B . -15.10 17.00 1.45
O32 XCO B . -13.04 19.04 1.59
O33 XCO B . -13.53 22.41 3.75
O34 XCO B . -16.20 20.00 5.23
O35 XCO B . -13.71 19.64 3.98
O36 XCO B . -15.89 18.00 3.83
O37 XCO B . -17.39 21.39 0.60
O38 XCO B . -15.72 21.96 2.80
O39 XCO B . -17.98 19.89 2.64
O4 XCO B . -17.79 25.00 4.52
O40 XCO B . -15.49 19.54 1.32
O5 XCO B . -21.13 21.65 4.29
O6 XCO B . -20.22 16.98 1.46
O7 XCO B . -16.30 16.45 -0.95
O8 XCO B . -12.34 20.39 -0.99
O9 XCO B . -12.78 24.40 1.74
W1 XCO B . -17.16 23.75 0.17
W10 XCO B . -14.73 21.25 4.82
W12 XCO B . -14.27 18.18 2.80
W2 XCO B . -19.58 21.40 0.08
W3 XCO B . -16.71 20.99 -1.66
W4 XCO B . -16.97 23.59 3.81
W5 XCO B . -19.66 20.96 3.75
W6 XCO B . -19.19 18.25 1.89
W7 XCO B . -16.05 17.78 -0.02
W8 XCO B . -13.66 20.15 0.14
W9 XCO B . -14.13 23.20 2.14
CO1 XCO B . -17.34 18.72 4.61
SI1 XCO B . -16.67 20.68 1.88
O1 XCO C . -4.03 26.25 -4.03
O10 XCO C . -5.74 18.76 -8.16
O12 XCO C . -10.30 18.78 -6.63
O13 XCO C . -6.92 25.88 -3.50
O14 XCO C . -3.89 23.45 -4.17
O15 XCO C . -5.75 24.73 -5.81
O16 XCO C . -5.05 24.72 -1.95
O17 XCO C . -7.51 24.61 -1.23
O18 XCO C . -4.85 21.89 -1.49
O19 XCO C . -7.42 21.83 -0.68
O2 XCO C . -5.65 23.85 0.48
O20 XCO C . -9.73 23.32 -2.48
O21 XCO C . -8.91 24.70 -4.90
O22 XCO C . -3.97 20.74 -3.81
O23 XCO C . -4.08 23.14 -6.64
O24 XCO C . -5.90 19.71 -0.70
O25 XCO C . -9.31 20.69 -2.19
O26 XCO C . -10.97 23.12 -4.68
O27 XCO C . -7.91 23.25 -7.07
O28 XCO C . -4.06 20.41 -6.39
O29 XCO C . -5.16 18.45 -3.05
O3 XCO C . -9.47 26.05 -2.58
O30 XCO C . -7.86 18.40 -2.15
O31 XCO C . -10.72 20.26 -4.38
O32 XCO C . -9.87 21.60 -6.80
O33 XCO C . -6.03 21.68 -8.01
O34 XCO C . -6.10 18.74 -5.43
O35 XCO C . -8.01 19.89 -7.17
O36 XCO C . -8.47 18.83 -4.68
O37 XCO C . -6.72 23.21 -3.23
O38 XCO C . -5.96 21.93 -5.63
O39 XCO C . -6.72 20.57 -2.99
O4 XCO C . -1.93 22.06 -5.10
O40 XCO C . -8.65 21.79 -4.70
O5 XCO C . -3.27 19.83 -1.23
O6 XCO C . -8.57 19.58 0.27
O7 XCO C . -11.79 21.87 -2.39
O8 XCO C . -10.59 24.46 -7.03
O9 XCO C . -5.74 24.52 -8.60
W1 XCO C . -5.23 25.00 -3.89
W10 XCO C . -5.94 19.98 -6.94
W12 XCO C . -9.48 19.94 -5.88
W2 XCO C . -6.10 23.32 -1.06
W3 XCO C . -8.45 24.83 -2.94
W4 XCO C . -3.69 21.92 -5.25
W5 XCO C . -4.67 20.09 -2.14
W6 XCO C . -7.85 20.06 -1.18
W7 XCO C . -10.43 21.79 -3.27
W8 XCO C . -9.59 23.38 -6.04
W9 XCO C . -5.93 23.37 -7.16
CO1 XCO C . -6.92 18.38 -3.86
SI1 XCO C . -7.00 21.84 -4.12
O1 XCO D . -5.41 26.00 -2.30
O10 XCO D . -5.17 18.73 -7.06
O12 XCO D . -9.82 18.69 -7.49
O13 XCO D . -8.22 25.63 -2.93
O14 XCO D . -5.12 23.23 -2.50
O15 XCO D . -6.30 24.62 -4.68
O16 XCO D . -7.17 24.40 -0.87
O17 XCO D . -9.72 24.20 -1.15
O18 XCO D . -7.00 21.60 -0.54
O19 XCO D . -9.76 21.42 -0.78
O2 XCO D . -8.61 23.32 1.09
O20 XCO D . -11.21 23.08 -3.27
O21 XCO D . -9.55 24.51 -5.12
O22 XCO D . -5.36 20.48 -2.45
O23 XCO D . -4.36 23.13 -4.81
O24 XCO D . -8.24 19.37 -0.30
O25 XCO D . -10.85 20.37 -2.96
O26 XCO D . -11.37 22.90 -5.82
O27 XCO D . -7.65 23.18 -6.84
O28 XCO D . -4.31 20.35 -4.76
O29 XCO D . -6.56 18.20 -2.15
O3 XCO D . -10.88 25.85 -3.06
O30 XCO D . -9.42 18.08 -2.44
O31 XCO D . -11.13 20.05 -5.49
O32 XCO D . -9.51 21.50 -7.41
O33 XCO D . -5.57 21.70 -6.92
O34 XCO D . -6.52 18.65 -4.67
O35 XCO D . -7.57 19.89 -7.08
O36 XCO D . -8.89 18.64 -4.99
O37 XCO D . -8.15 22.95 -2.77
O38 XCO D . -6.43 21.82 -4.71
O39 XCO D . -8.14 20.34 -2.66
O4 XCO D . -3.15 21.56 -2.33
O40 XCO D . -9.26 21.63 -4.96
O5 XCO D . -5.61 19.44 0.23
O6 XCO D . -10.99 18.92 -0.47
O7 XCO D . -13.07 21.40 -4.03
O8 XCO D . -10.12 24.39 -7.78
O9 XCO D . -5.15 24.59 -7.22
W1 XCO D . -6.53 24.72 -2.71
W10 XCO D . -5.81 19.94 -6.01
W12 XCO D . -9.39 19.81 -6.44
W2 XCO D . -8.43 22.93 -0.54
W3 XCO D . -9.83 24.60 -3.08
W4 XCO D . -4.49 21.77 -3.50
W5 XCO D . -6.55 19.83 -1.13
W6 XCO D . -9.87 19.68 -1.50
W7 XCO D . -11.46 21.54 -4.32
W8 XCO D . -9.58 23.25 -6.55
W9 XCO D . -5.86 23.36 -6.04
CO1 XCO D . -7.86 18.17 -3.58
SI1 XCO D . -7.99 21.65 -3.75
O1 KCO E . -13.50 -5.87 23.48
O10 KCO E . -11.43 0.96 18.70
O12 KCO E . -12.67 -1.50 14.70
O13 KCO E . -13.89 -6.92 20.77
O14 KCO E . -11.63 -4.14 22.47
O15 KCO E . -14.21 -4.19 21.26
O16 KCO E . -11.51 -6.97 21.86
O17 KCO E . -11.85 -8.20 19.61
O18 KCO E . -9.24 -5.75 20.93
O19 KCO E . -9.48 -7.03 18.50
O2 KCO E . -9.63 -8.57 20.97
O20 KCO E . -12.54 -7.16 17.10
O21 KCO E . -14.67 -5.72 18.41
O22 KCO E . -9.52 -2.98 21.19
O23 KCO E . -13.04 -2.19 22.07
O24 KCO E . -7.50 -5.46 19.12
O25 KCO E . -10.20 -5.63 16.43
O26 KCO E . -14.02 -5.57 15.96
O27 KCO E . -14.64 -2.88 18.66
O28 KCO E . -10.95 -0.79 20.95
O29 KCO E . -7.76 -2.61 19.36
O3 KCO E . -14.60 -8.37 18.67
O30 KCO E . -7.82 -4.04 16.99
O31 KCO E . -11.75 -4.15 15.00
O32 KCO E . -14.01 -2.75 16.15
O33 KCO E . -13.56 -0.85 19.69
O34 KCO E . -9.81 -1.20 18.49
O35 KCO E . -12.42 -1.00 17.19
O37 KCO E . -11.83 -5.62 19.70
O38 KCO E . -12.17 -2.84 19.92
O39 KCO E . -9.76 -4.28 18.66
O4 KCO E . -10.57 -2.12 23.58
O40 KCO E . -12.36 -4.18 17.45
O5 KCO E . -7.10 -4.39 21.56
O6 KCO E . -7.69 -6.84 16.61
O7 KCO E . -11.77 -6.88 14.71
O8 KCO E . -16.34 -4.40 16.81
O9 KCO E . -15.82 -1.95 21.15
W1 KCO E . -12.94 -5.61 21.85
W10 KCO E . -11.66 -0.70 19.10
W12 KCO E . -12.14 -2.43 15.90
W2 KCO E . -10.36 -7.21 20.31
W3 KCO E . -13.43 -7.24 18.94
W4 KCO E . -11.17 -2.40 21.93
W5 KCO E . -8.27 -4.19 20.36
W6 KCO E . -8.64 -5.73 17.46
W7 KCO E . -12.02 -5.81 15.92
W8 KCO E . -14.62 -4.23 17.26
W9 KCO E . -14.16 -2.44 20.51
CO1 KCO E . -8.66 -2.39 17.68
SI1 KCO E . -11.47 -4.22 18.93
S SO4 F . -3.12 1.74 17.94
O1 SO4 F . -2.42 0.71 18.70
O2 SO4 F . -2.36 2.04 16.74
O3 SO4 F . -4.40 1.21 17.51
O4 SO4 F . -3.26 2.92 18.77
#